data_3OQ2
#
_entry.id   3OQ2
#
_cell.length_a   107.874
_cell.length_b   48.810
_cell.length_c   41.320
_cell.angle_alpha   90.00
_cell.angle_beta   99.20
_cell.angle_gamma   90.00
#
_symmetry.space_group_name_H-M   'C 1 2 1'
#
loop_
_entity.id
_entity.type
_entity.pdbx_description
1 polymer 'CRISPR-associated protein Cas2'
2 non-polymer 'SODIUM ION'
3 non-polymer 2-AMINO-2-HYDROXYMETHYL-PROPANE-1,3-DIOL
4 non-polymer 'CHLORIDE ION'
5 non-polymer 'SULFATE ION'
6 non-polymer 'CITRIC ACID'
7 water water
#
_entity_poly.entity_id   1
_entity_poly.type   'polypeptide(L)'
_entity_poly.pdbx_seq_one_letter_code
;SMYGNDAMLVLISYDVSFEDPGGQRRLRRIAKACQDYGQRVQYSVFECVVDPAQWAKLKHRLLSEMDKEKDCLRFYYLGA
NWRNKVEHVGAKPAYDPEGPLIL
;
_entity_poly.pdbx_strand_id   A,B
#
loop_
_chem_comp.id
_chem_comp.type
_chem_comp.name
_chem_comp.formula
CIT non-polymer 'CITRIC ACID' 'C6 H8 O7'
CL non-polymer 'CHLORIDE ION' 'Cl -1'
NA non-polymer 'SODIUM ION' 'Na 1'
SO4 non-polymer 'SULFATE ION' 'O4 S -2'
TRS non-polymer 2-AMINO-2-HYDROXYMETHYL-PROPANE-1,3-DIOL 'C4 H12 N O3 1'
#
# COMPACT_ATOMS: atom_id res chain seq x y z
N ASN A 5 -11.37 22.31 0.24
CA ASN A 5 -10.29 22.16 1.19
C ASN A 5 -9.00 21.71 0.50
N ASP A 6 -7.93 21.55 1.27
CA ASP A 6 -6.64 21.14 0.71
C ASP A 6 -6.71 19.71 0.19
N ALA A 7 -6.05 19.48 -0.93
CA ALA A 7 -5.92 18.14 -1.48
C ALA A 7 -5.07 17.31 -0.52
N MET A 8 -5.41 16.03 -0.38
CA MET A 8 -4.60 15.11 0.41
C MET A 8 -4.41 13.85 -0.44
N LEU A 9 -3.46 13.01 -0.06
CA LEU A 9 -3.25 11.73 -0.70
CA LEU A 9 -3.30 11.74 -0.73
C LEU A 9 -3.89 10.62 0.10
N VAL A 10 -4.67 9.77 -0.57
CA VAL A 10 -5.13 8.54 0.03
C VAL A 10 -4.45 7.41 -0.75
N LEU A 11 -3.73 6.54 -0.04
CA LEU A 11 -3.20 5.33 -0.63
CA LEU A 11 -3.19 5.32 -0.62
C LEU A 11 -4.23 4.24 -0.41
N ILE A 12 -4.66 3.61 -1.49
CA ILE A 12 -5.74 2.65 -1.47
C ILE A 12 -5.20 1.27 -1.82
N SER A 13 -5.29 0.35 -0.87
CA SER A 13 -4.89 -1.02 -1.07
C SER A 13 -6.17 -1.85 -1.26
N TYR A 14 -6.32 -2.39 -2.45
CA TYR A 14 -7.46 -3.22 -2.78
C TYR A 14 -7.01 -4.68 -2.84
N ASP A 15 -7.35 -5.41 -1.79
CA ASP A 15 -7.02 -6.82 -1.65
C ASP A 15 -8.14 -7.62 -2.28
N VAL A 16 -7.93 -7.99 -3.54
CA VAL A 16 -8.91 -8.69 -4.35
C VAL A 16 -8.22 -9.84 -5.08
N SER A 17 -8.90 -10.97 -5.23
CA SER A 17 -8.38 -12.07 -6.04
C SER A 17 -8.65 -11.74 -7.50
N PHE A 18 -7.66 -11.12 -8.14
CA PHE A 18 -7.87 -10.55 -9.47
C PHE A 18 -7.87 -11.63 -10.55
N GLU A 19 -7.21 -12.75 -10.29
CA GLU A 19 -7.16 -13.83 -11.26
C GLU A 19 -8.47 -14.62 -11.28
N ASP A 20 -9.37 -14.30 -10.36
CA ASP A 20 -10.72 -14.86 -10.38
C ASP A 20 -11.61 -13.95 -11.22
N PRO A 21 -12.65 -14.52 -11.85
CA PRO A 21 -13.50 -13.81 -12.81
C PRO A 21 -14.10 -12.52 -12.27
N GLY A 22 -14.89 -12.62 -11.19
CA GLY A 22 -15.46 -11.46 -10.54
C GLY A 22 -14.43 -10.47 -10.03
N GLY A 23 -13.38 -10.98 -9.38
CA GLY A 23 -12.31 -10.14 -8.85
C GLY A 23 -11.67 -9.28 -9.93
N GLN A 24 -11.45 -9.88 -11.10
CA GLN A 24 -10.88 -9.16 -12.23
C GLN A 24 -11.77 -7.98 -12.65
N ARG A 25 -13.07 -8.24 -12.71
CA ARG A 25 -14.02 -7.21 -13.11
C ARG A 25 -14.04 -6.09 -12.08
N ARG A 26 -14.10 -6.45 -10.80
CA ARG A 26 -14.17 -5.44 -9.76
C ARG A 26 -12.89 -4.61 -9.73
N LEU A 27 -11.74 -5.26 -9.93
CA LEU A 27 -10.49 -4.52 -9.95
C LEU A 27 -10.47 -3.54 -11.12
N ARG A 28 -10.93 -3.96 -12.28
CA ARG A 28 -10.95 -3.08 -13.44
C ARG A 28 -11.79 -1.83 -13.14
N ARG A 29 -12.96 -2.03 -12.52
CA ARG A 29 -13.85 -0.92 -12.19
C ARG A 29 -13.21 0.02 -11.15
N ILE A 30 -12.59 -0.56 -10.13
CA ILE A 30 -11.94 0.26 -9.10
C ILE A 30 -10.73 1.00 -9.68
N ALA A 31 -9.94 0.34 -10.52
CA ALA A 31 -8.81 1.00 -11.18
C ALA A 31 -9.30 2.15 -12.04
N LYS A 32 -10.37 1.93 -12.78
CA LYS A 32 -10.92 3.00 -13.62
C LYS A 32 -11.40 4.18 -12.78
N ALA A 33 -12.06 3.91 -11.65
CA ALA A 33 -12.53 4.96 -10.76
C ALA A 33 -11.37 5.79 -10.19
N CYS A 34 -10.25 5.13 -9.90
CA CYS A 34 -9.11 5.82 -9.28
C CYS A 34 -8.20 6.53 -10.28
N GLN A 35 -8.27 6.10 -11.54
CA GLN A 35 -7.22 6.41 -12.52
C GLN A 35 -6.81 7.89 -12.62
N ASP A 36 -7.78 8.78 -12.72
CA ASP A 36 -7.46 10.17 -13.03
C ASP A 36 -7.14 10.99 -11.78
N TYR A 37 -7.13 10.37 -10.60
CA TYR A 37 -6.76 11.06 -9.36
C TYR A 37 -5.29 10.90 -8.99
N GLY A 38 -4.56 10.04 -9.68
CA GLY A 38 -3.18 9.82 -9.31
C GLY A 38 -2.49 8.76 -10.14
N GLN A 39 -1.92 7.75 -9.49
CA GLN A 39 -1.15 6.75 -10.21
C GLN A 39 -1.32 5.39 -9.56
N ARG A 40 -1.03 4.36 -10.35
CA ARG A 40 -1.22 2.98 -9.96
C ARG A 40 0.16 2.44 -9.60
N VAL A 41 0.41 2.26 -8.30
CA VAL A 41 1.75 1.89 -7.86
CA VAL A 41 1.70 1.87 -7.72
C VAL A 41 1.95 0.36 -7.77
N GLN A 42 0.85 -0.39 -7.71
CA GLN A 42 0.85 -1.83 -7.95
CA GLN A 42 0.89 -1.81 -8.04
C GLN A 42 -0.43 -2.16 -8.70
N TYR A 43 -0.55 -3.39 -9.16
CA TYR A 43 -1.74 -3.80 -9.86
C TYR A 43 -3.00 -3.43 -9.10
N SER A 44 -2.99 -3.58 -7.78
CA SER A 44 -4.16 -3.22 -6.98
C SER A 44 -3.80 -2.31 -5.81
N VAL A 45 -2.86 -1.40 -6.04
CA VAL A 45 -2.57 -0.33 -5.07
C VAL A 45 -2.59 1.00 -5.83
N PHE A 46 -3.40 1.95 -5.35
CA PHE A 46 -3.66 3.20 -6.06
C PHE A 46 -3.37 4.40 -5.17
N GLU A 47 -2.73 5.42 -5.72
CA GLU A 47 -2.60 6.71 -5.05
C GLU A 47 -3.61 7.68 -5.64
N CYS A 48 -4.37 8.33 -4.78
CA CYS A 48 -5.40 9.27 -5.22
C CYS A 48 -5.25 10.58 -4.45
N VAL A 49 -5.05 11.67 -5.19
CA VAL A 49 -4.99 13.00 -4.61
C VAL A 49 -6.37 13.62 -4.77
N VAL A 50 -6.96 13.98 -3.65
CA VAL A 50 -8.37 14.33 -3.59
C VAL A 50 -8.63 15.42 -2.57
N ASP A 51 -9.47 16.39 -2.95
CA ASP A 51 -10.00 17.35 -2.00
C ASP A 51 -11.21 16.69 -1.33
N PRO A 52 -11.82 17.36 -0.35
CA PRO A 52 -12.86 16.69 0.43
C PRO A 52 -14.05 16.23 -0.40
N ALA A 53 -14.48 17.05 -1.37
CA ALA A 53 -15.64 16.71 -2.19
C ALA A 53 -15.31 15.54 -3.09
N GLN A 54 -14.12 15.55 -3.68
CA GLN A 54 -13.68 14.45 -4.52
C GLN A 54 -13.59 13.16 -3.72
N TRP A 55 -13.05 13.23 -2.52
CA TRP A 55 -12.88 12.00 -1.75
C TRP A 55 -14.22 11.41 -1.33
N ALA A 56 -15.16 12.24 -0.91
CA ALA A 56 -16.47 11.73 -0.53
C ALA A 56 -17.09 10.96 -1.71
N LYS A 57 -17.00 11.54 -2.90
CA LYS A 57 -17.55 10.93 -4.11
C LYS A 57 -16.79 9.64 -4.44
N LEU A 58 -15.46 9.71 -4.44
CA LEU A 58 -14.66 8.57 -4.83
C LEU A 58 -14.83 7.40 -3.86
N LYS A 59 -14.77 7.69 -2.57
CA LYS A 59 -14.85 6.64 -1.55
C LYS A 59 -16.18 5.89 -1.71
N HIS A 60 -17.24 6.63 -1.97
CA HIS A 60 -18.55 6.02 -2.17
C HIS A 60 -18.56 5.05 -3.36
N ARG A 61 -17.93 5.47 -4.47
CA ARG A 61 -17.83 4.61 -5.65
C ARG A 61 -17.08 3.32 -5.33
N LEU A 62 -15.94 3.44 -4.66
CA LEU A 62 -15.11 2.29 -4.35
C LEU A 62 -15.85 1.29 -3.47
N LEU A 63 -16.52 1.79 -2.44
CA LEU A 63 -17.27 0.91 -1.54
CA LEU A 63 -17.28 0.91 -1.55
C LEU A 63 -18.41 0.21 -2.29
N SER A 64 -18.97 0.88 -3.30
CA SER A 64 -20.05 0.31 -4.09
CA SER A 64 -20.05 0.32 -4.10
C SER A 64 -19.55 -0.79 -5.03
N GLU A 65 -18.32 -0.65 -5.52
CA GLU A 65 -17.79 -1.59 -6.50
C GLU A 65 -17.21 -2.86 -5.88
N MET A 66 -16.66 -2.74 -4.68
CA MET A 66 -16.05 -3.89 -4.02
C MET A 66 -17.11 -4.90 -3.62
N ASP A 67 -16.67 -6.12 -3.36
CA ASP A 67 -17.50 -7.11 -2.72
C ASP A 67 -17.03 -7.16 -1.28
N LYS A 68 -17.86 -6.72 -0.34
CA LYS A 68 -17.43 -6.56 1.03
CA LYS A 68 -17.43 -6.55 1.04
C LYS A 68 -17.18 -7.89 1.74
N GLU A 69 -17.79 -8.96 1.23
CA GLU A 69 -17.54 -10.28 1.81
C GLU A 69 -16.24 -10.92 1.30
N LYS A 70 -15.93 -10.70 0.02
CA LYS A 70 -14.78 -11.35 -0.62
C LYS A 70 -13.52 -10.49 -0.64
N ASP A 71 -13.68 -9.17 -0.67
CA ASP A 71 -12.57 -8.26 -0.88
C ASP A 71 -12.34 -7.41 0.32
N CYS A 72 -11.22 -6.70 0.30
N CYS A 72 -11.23 -6.70 0.35
CA CYS A 72 -10.90 -5.72 1.32
CA CYS A 72 -11.12 -5.65 1.35
C CYS A 72 -10.41 -4.44 0.66
C CYS A 72 -10.33 -4.48 0.83
N LEU A 73 -10.78 -3.30 1.22
CA LEU A 73 -10.18 -2.03 0.84
C LEU A 73 -9.60 -1.47 2.13
N ARG A 74 -8.36 -1.01 2.04
CA ARG A 74 -7.74 -0.29 3.12
C ARG A 74 -7.30 1.06 2.59
N PHE A 75 -7.65 2.08 3.37
CA PHE A 75 -7.31 3.46 3.04
C PHE A 75 -6.27 3.96 4.05
N TYR A 76 -5.21 4.54 3.51
CA TYR A 76 -4.12 5.14 4.27
C TYR A 76 -4.12 6.64 3.97
N TYR A 77 -4.35 7.43 5.01
CA TYR A 77 -4.54 8.87 4.85
C TYR A 77 -3.22 9.58 5.10
N LEU A 78 -2.52 9.89 4.02
CA LEU A 78 -1.20 10.52 4.10
C LEU A 78 -1.26 12.03 4.26
N GLY A 79 -2.45 12.61 4.20
CA GLY A 79 -2.62 14.04 4.45
C GLY A 79 -2.21 14.98 3.34
N ALA A 80 -2.23 16.27 3.65
CA ALA A 80 -1.94 17.30 2.66
C ALA A 80 -0.43 17.37 2.36
N ASN A 81 0.38 16.87 3.29
CA ASN A 81 1.84 16.85 3.12
C ASN A 81 2.39 15.47 2.79
N TRP A 82 1.63 14.72 2.00
CA TRP A 82 2.06 13.39 1.59
C TRP A 82 3.44 13.41 0.95
N ARG A 83 3.80 14.49 0.27
CA ARG A 83 5.10 14.50 -0.42
C ARG A 83 6.26 14.32 0.54
N ASN A 84 6.06 14.77 1.79
CA ASN A 84 7.10 14.69 2.81
C ASN A 84 7.06 13.35 3.56
N LYS A 85 6.19 12.45 3.11
CA LYS A 85 5.90 11.19 3.82
C LYS A 85 5.88 9.98 2.88
N VAL A 86 6.41 10.16 1.68
CA VAL A 86 6.51 9.08 0.68
C VAL A 86 7.93 9.07 0.14
N GLU A 87 8.48 7.86 0.00
CA GLU A 87 9.82 7.68 -0.50
C GLU A 87 9.82 6.55 -1.50
N HIS A 88 10.46 6.76 -2.63
CA HIS A 88 10.55 5.78 -3.69
C HIS A 88 12.00 5.34 -3.90
N VAL A 89 12.24 4.04 -3.96
CA VAL A 89 13.56 3.51 -4.30
C VAL A 89 13.42 2.47 -5.42
N GLY A 90 14.26 2.60 -6.43
CA GLY A 90 14.35 1.60 -7.48
C GLY A 90 13.66 2.00 -8.77
N ALA A 91 13.23 0.99 -9.53
CA ALA A 91 12.69 1.18 -10.86
C ALA A 91 11.44 2.04 -10.87
N LYS A 92 11.15 2.65 -12.01
CA LYS A 92 9.92 3.42 -12.16
C LYS A 92 8.72 2.50 -12.07
N PRO A 93 7.61 3.00 -11.52
CA PRO A 93 6.39 2.18 -11.49
C PRO A 93 6.00 1.76 -12.91
N ALA A 94 5.54 0.52 -13.08
CA ALA A 94 5.20 0.00 -14.40
C ALA A 94 4.23 0.93 -15.12
N TYR A 95 3.26 1.46 -14.38
N TYR A 95 3.26 1.45 -14.38
CA TYR A 95 2.30 2.38 -14.96
CA TYR A 95 2.28 2.35 -14.96
C TYR A 95 2.87 3.78 -14.99
C TYR A 95 2.84 3.78 -14.97
N ASP A 96 2.57 4.51 -16.05
CA ASP A 96 3.02 5.89 -16.21
C ASP A 96 4.45 6.17 -15.76
N PRO A 97 5.42 5.44 -16.34
CA PRO A 97 6.82 5.57 -15.93
C PRO A 97 7.41 6.94 -16.27
N GLU A 98 6.72 7.71 -17.09
CA GLU A 98 7.20 9.03 -17.49
C GLU A 98 6.84 10.11 -16.48
N GLY A 99 5.78 9.88 -15.71
CA GLY A 99 5.31 10.86 -14.75
C GLY A 99 6.23 10.94 -13.55
N PRO A 100 5.98 11.91 -12.66
CA PRO A 100 6.79 12.00 -11.44
C PRO A 100 6.58 10.78 -10.53
N LEU A 101 7.63 10.39 -9.83
CA LEU A 101 7.55 9.32 -8.86
C LEU A 101 6.55 9.61 -7.76
N ILE A 102 6.49 10.88 -7.36
CA ILE A 102 5.60 11.30 -6.28
CA ILE A 102 5.61 11.32 -6.27
C ILE A 102 4.67 12.40 -6.81
N LEU A 103 3.38 12.28 -6.49
CA LEU A 103 2.36 13.18 -7.01
C LEU A 103 2.38 14.53 -6.33
N MET B 2 4.22 -4.01 24.42
CA MET B 2 3.58 -3.10 23.49
C MET B 2 4.61 -2.24 22.78
N TYR B 3 4.16 -1.18 22.13
CA TYR B 3 5.05 -0.28 21.42
C TYR B 3 5.40 0.92 22.29
N GLY B 4 6.54 1.54 22.02
CA GLY B 4 6.91 2.78 22.67
C GLY B 4 6.17 3.94 22.04
N ASN B 5 6.21 5.09 22.68
CA ASN B 5 5.53 6.27 22.15
C ASN B 5 6.22 6.80 20.91
N ASP B 6 7.44 6.32 20.65
CA ASP B 6 8.18 6.71 19.45
C ASP B 6 8.01 5.72 18.30
N ALA B 7 7.13 4.73 18.47
CA ALA B 7 6.83 3.80 17.38
C ALA B 7 6.00 4.50 16.30
N MET B 8 6.28 4.15 15.05
CA MET B 8 5.46 4.64 13.94
C MET B 8 5.21 3.51 12.96
N LEU B 9 4.25 3.72 12.07
CA LEU B 9 3.92 2.74 11.05
CA LEU B 9 3.94 2.73 11.05
C LEU B 9 4.49 3.15 9.71
N VAL B 10 5.18 2.22 9.06
CA VAL B 10 5.57 2.38 7.69
C VAL B 10 4.79 1.36 6.87
N LEU B 11 4.08 1.85 5.86
CA LEU B 11 3.46 0.97 4.88
CA LEU B 11 3.43 1.00 4.87
C LEU B 11 4.44 0.82 3.73
N ILE B 12 4.76 -0.43 3.42
CA ILE B 12 5.80 -0.74 2.45
C ILE B 12 5.17 -1.43 1.26
N SER B 13 5.26 -0.79 0.09
CA SER B 13 4.78 -1.36 -1.15
C SER B 13 5.97 -1.89 -1.93
N TYR B 14 6.04 -3.20 -2.11
CA TYR B 14 7.15 -3.81 -2.81
C TYR B 14 6.65 -4.26 -4.19
N ASP B 15 6.96 -3.45 -5.20
CA ASP B 15 6.58 -3.71 -6.57
C ASP B 15 7.67 -4.59 -7.17
N VAL B 16 7.54 -5.89 -6.97
CA VAL B 16 8.60 -6.85 -7.28
C VAL B 16 8.35 -7.55 -8.60
N SER B 17 9.43 -7.72 -9.35
CA SER B 17 9.35 -8.27 -10.70
C SER B 17 9.38 -9.79 -10.68
N PHE B 18 8.41 -10.39 -11.35
CA PHE B 18 8.35 -11.84 -11.48
C PHE B 18 8.83 -12.26 -12.86
N GLU B 19 9.67 -11.41 -13.46
CA GLU B 19 10.23 -11.67 -14.78
C GLU B 19 11.10 -12.92 -14.78
N ASP B 20 11.71 -13.19 -13.63
CA ASP B 20 12.51 -14.39 -13.44
C ASP B 20 12.35 -14.85 -12.00
N PRO B 21 12.78 -16.08 -11.70
CA PRO B 21 12.55 -16.69 -10.39
C PRO B 21 13.09 -15.88 -9.20
N GLY B 22 14.03 -14.98 -9.45
CA GLY B 22 14.58 -14.14 -8.39
C GLY B 22 13.52 -13.33 -7.65
N GLY B 23 12.52 -12.86 -8.37
CA GLY B 23 11.46 -12.04 -7.79
C GLY B 23 10.78 -12.70 -6.60
N GLN B 24 10.35 -13.95 -6.75
CA GLN B 24 9.67 -14.63 -5.65
C GLN B 24 10.64 -14.85 -4.48
N ARG B 25 11.92 -15.08 -4.79
CA ARG B 25 12.93 -15.24 -3.74
C ARG B 25 13.10 -13.97 -2.93
N ARG B 26 13.22 -12.84 -3.63
CA ARG B 26 13.41 -11.55 -2.97
C ARG B 26 12.18 -11.21 -2.14
N LEU B 27 11.01 -11.49 -2.69
CA LEU B 27 9.77 -11.25 -1.96
C LEU B 27 9.73 -12.07 -0.69
N ARG B 28 10.14 -13.34 -0.76
CA ARG B 28 10.15 -14.16 0.44
C ARG B 28 11.05 -13.57 1.52
N ARG B 29 12.22 -13.09 1.12
CA ARG B 29 13.16 -12.51 2.07
C ARG B 29 12.61 -11.22 2.68
N ILE B 30 12.05 -10.36 1.83
CA ILE B 30 11.50 -9.09 2.29
C ILE B 30 10.29 -9.32 3.21
N ALA B 31 9.43 -10.27 2.86
CA ALA B 31 8.27 -10.60 3.68
C ALA B 31 8.75 -11.09 5.03
N LYS B 32 9.79 -11.92 5.04
CA LYS B 32 10.31 -12.42 6.30
C LYS B 32 10.88 -11.30 7.18
N ALA B 33 11.55 -10.32 6.58
CA ALA B 33 12.12 -9.22 7.35
C ALA B 33 11.01 -8.38 7.94
N CYS B 34 9.94 -8.19 7.18
CA CYS B 34 8.85 -7.33 7.62
C CYS B 34 7.93 -8.01 8.63
N GLN B 35 7.84 -9.33 8.56
CA GLN B 35 6.89 -10.12 9.33
CA GLN B 35 6.84 -10.08 9.33
C GLN B 35 6.93 -9.84 10.84
N ASP B 36 8.13 -9.65 11.37
CA ASP B 36 8.27 -9.50 12.82
C ASP B 36 7.67 -8.20 13.37
N TYR B 37 7.38 -7.25 12.49
CA TYR B 37 7.01 -5.90 12.90
C TYR B 37 5.57 -5.52 12.59
N GLY B 38 4.78 -6.44 12.03
CA GLY B 38 3.44 -6.07 11.67
C GLY B 38 2.68 -7.16 10.95
N GLN B 39 2.04 -6.77 9.85
CA GLN B 39 1.18 -7.68 9.13
C GLN B 39 1.29 -7.45 7.63
N ARG B 40 0.90 -8.49 6.89
CA ARG B 40 0.98 -8.50 5.45
C ARG B 40 -0.42 -8.24 4.91
N VAL B 41 -0.64 -7.09 4.27
CA VAL B 41 -1.99 -6.70 3.88
C VAL B 41 -2.31 -7.06 2.41
N GLN B 42 -1.24 -7.26 1.64
CA GLN B 42 -1.36 -7.89 0.33
CA GLN B 42 -1.34 -7.87 0.30
C GLN B 42 -0.11 -8.74 0.11
N TYR B 43 -0.10 -9.49 -0.98
CA TYR B 43 1.01 -10.37 -1.25
C TYR B 43 2.35 -9.63 -1.12
N SER B 44 2.41 -8.39 -1.63
CA SER B 44 3.63 -7.60 -1.50
C SER B 44 3.39 -6.19 -0.96
N VAL B 45 2.50 -6.09 0.03
CA VAL B 45 2.30 -4.84 0.78
C VAL B 45 2.34 -5.18 2.26
N PHE B 46 3.19 -4.48 3.00
CA PHE B 46 3.49 -4.82 4.38
C PHE B 46 3.32 -3.62 5.29
N GLU B 47 2.81 -3.86 6.48
CA GLU B 47 2.78 -2.86 7.53
C GLU B 47 3.80 -3.20 8.59
N CYS B 48 4.61 -2.22 8.97
CA CYS B 48 5.64 -2.43 9.99
C CYS B 48 5.59 -1.29 11.00
N VAL B 49 5.40 -1.66 12.26
CA VAL B 49 5.45 -0.73 13.37
C VAL B 49 6.83 -0.84 13.98
N VAL B 50 7.57 0.27 13.93
CA VAL B 50 8.98 0.30 14.24
C VAL B 50 9.35 1.62 14.90
N ASP B 51 10.25 1.58 15.88
CA ASP B 51 10.86 2.81 16.36
C ASP B 51 12.02 3.21 15.46
N PRO B 52 12.61 4.38 15.69
CA PRO B 52 13.65 4.86 14.77
C PRO B 52 14.80 3.89 14.55
N ALA B 53 15.33 3.30 15.62
CA ALA B 53 16.46 2.38 15.50
C ALA B 53 16.07 1.12 14.73
N GLN B 54 14.88 0.62 15.01
CA GLN B 54 14.40 -0.58 14.34
C GLN B 54 14.21 -0.31 12.85
N TRP B 55 13.66 0.85 12.53
CA TRP B 55 13.41 1.19 11.14
C TRP B 55 14.72 1.33 10.37
N ALA B 56 15.72 1.98 10.97
CA ALA B 56 17.01 2.13 10.30
C ALA B 56 17.55 0.77 9.88
N LYS B 57 17.48 -0.22 10.78
CA LYS B 57 17.99 -1.54 10.48
C LYS B 57 17.14 -2.25 9.43
N LEU B 58 15.83 -2.16 9.58
CA LEU B 58 14.93 -2.86 8.67
C LEU B 58 15.07 -2.28 7.28
N LYS B 59 15.10 -0.96 7.18
CA LYS B 59 15.14 -0.28 5.90
C LYS B 59 16.40 -0.69 5.15
N HIS B 60 17.51 -0.76 5.88
CA HIS B 60 18.78 -1.14 5.29
C HIS B 60 18.68 -2.56 4.73
N ARG B 61 18.05 -3.44 5.48
CA ARG B 61 17.87 -4.82 5.04
C ARG B 61 17.02 -4.91 3.77
N LEU B 62 15.90 -4.20 3.75
CA LEU B 62 15.01 -4.22 2.60
C LEU B 62 15.71 -3.71 1.35
N LEU B 63 16.45 -2.61 1.49
CA LEU B 63 17.15 -2.04 0.34
C LEU B 63 18.23 -2.99 -0.16
N SER B 64 18.81 -3.76 0.74
CA SER B 64 19.87 -4.70 0.37
CA SER B 64 19.88 -4.68 0.36
C SER B 64 19.31 -5.94 -0.32
N GLU B 65 18.08 -6.33 0.02
CA GLU B 65 17.48 -7.53 -0.55
C GLU B 65 16.81 -7.27 -1.91
N MET B 66 16.33 -6.05 -2.14
CA MET B 66 15.63 -5.74 -3.38
C MET B 66 16.64 -5.69 -4.53
N ASP B 67 16.13 -5.79 -5.76
CA ASP B 67 16.94 -5.52 -6.94
C ASP B 67 16.53 -4.13 -7.42
N LYS B 68 17.44 -3.17 -7.34
CA LYS B 68 17.06 -1.78 -7.58
C LYS B 68 16.80 -1.48 -9.04
N GLU B 69 17.28 -2.36 -9.94
CA GLU B 69 16.96 -2.20 -11.35
C GLU B 69 15.61 -2.80 -11.75
N LYS B 70 15.24 -3.91 -11.12
CA LYS B 70 14.03 -4.65 -11.51
C LYS B 70 12.82 -4.34 -10.65
N ASP B 71 13.07 -3.95 -9.39
CA ASP B 71 12.00 -3.79 -8.42
C ASP B 71 11.93 -2.37 -7.97
N CYS B 72 10.87 -2.06 -7.25
CA CYS B 72 10.88 -0.84 -6.50
CA CYS B 72 10.75 -0.79 -6.57
C CYS B 72 10.19 -1.00 -5.17
N LEU B 73 10.64 -0.19 -4.21
CA LEU B 73 10.08 -0.16 -2.88
C LEU B 73 9.60 1.24 -2.68
N ARG B 74 8.37 1.38 -2.21
CA ARG B 74 7.84 2.66 -1.78
C ARG B 74 7.47 2.58 -0.33
N PHE B 75 7.91 3.57 0.42
CA PHE B 75 7.65 3.68 1.85
C PHE B 75 6.69 4.84 2.09
N TYR B 76 5.63 4.55 2.85
CA TYR B 76 4.62 5.52 3.21
C TYR B 76 4.70 5.66 4.73
N TYR B 77 5.02 6.87 5.18
CA TYR B 77 5.29 7.12 6.59
C TYR B 77 4.03 7.65 7.28
N LEU B 78 3.29 6.74 7.92
CA LEU B 78 2.01 7.08 8.55
C LEU B 78 2.16 7.69 9.95
N GLY B 79 3.37 7.72 10.48
CA GLY B 79 3.65 8.37 11.74
C GLY B 79 3.20 7.62 12.97
N ALA B 80 3.32 8.30 14.10
CA ALA B 80 3.04 7.74 15.40
C ALA B 80 1.54 7.56 15.62
N ASN B 81 0.74 8.31 14.87
CA ASN B 81 -0.72 8.25 14.98
C ASN B 81 -1.35 7.53 13.79
N TRP B 82 -0.66 6.50 13.30
CA TRP B 82 -1.18 5.72 12.18
C TRP B 82 -2.59 5.20 12.44
N ARG B 83 -2.93 4.91 13.69
CA ARG B 83 -4.25 4.32 13.96
C ARG B 83 -5.39 5.24 13.55
N ASN B 84 -5.14 6.54 13.60
CA ASN B 84 -6.13 7.54 13.23
C ASN B 84 -6.09 7.86 11.75
N LYS B 85 -5.28 7.11 10.98
CA LYS B 85 -5.03 7.40 9.57
CA LYS B 85 -5.06 7.40 9.57
C LYS B 85 -5.13 6.16 8.69
N VAL B 86 -5.69 5.08 9.21
CA VAL B 86 -5.89 3.84 8.48
C VAL B 86 -7.34 3.41 8.68
N GLU B 87 -7.99 2.99 7.60
CA GLU B 87 -9.38 2.52 7.66
C GLU B 87 -9.48 1.25 6.84
N HIS B 88 -10.16 0.26 7.39
CA HIS B 88 -10.34 -1.03 6.76
C HIS B 88 -11.80 -1.27 6.47
N VAL B 89 -12.12 -1.76 5.27
CA VAL B 89 -13.48 -2.16 4.92
C VAL B 89 -13.44 -3.54 4.26
N GLY B 90 -14.29 -4.44 4.73
CA GLY B 90 -14.43 -5.73 4.11
C GLY B 90 -13.73 -6.88 4.83
N ALA B 91 -13.41 -7.92 4.07
CA ALA B 91 -12.86 -9.15 4.62
C ALA B 91 -11.54 -8.95 5.37
N LYS B 92 -11.25 -9.85 6.30
CA LYS B 92 -9.98 -9.81 7.01
C LYS B 92 -8.85 -10.17 6.06
N PRO B 93 -7.65 -9.62 6.31
CA PRO B 93 -6.47 -10.02 5.55
C PRO B 93 -6.20 -11.52 5.67
N ALA B 94 -5.74 -12.15 4.58
CA ALA B 94 -5.52 -13.59 4.54
C ALA B 94 -4.32 -13.98 5.40
N TYR B 95 -3.35 -13.08 5.51
CA TYR B 95 -2.21 -13.29 6.38
C TYR B 95 -2.50 -12.68 7.74
N ASP B 96 -2.58 -13.51 8.78
CA ASP B 96 -2.92 -13.02 10.11
C ASP B 96 -4.38 -12.55 10.17
N PRO B 97 -5.31 -13.43 9.79
CA PRO B 97 -6.73 -13.09 9.74
C PRO B 97 -7.34 -12.93 11.13
N GLU B 98 -6.67 -13.47 12.15
CA GLU B 98 -7.19 -13.42 13.52
C GLU B 98 -6.88 -12.07 14.19
N GLY B 99 -5.66 -11.59 14.02
CA GLY B 99 -5.22 -10.38 14.68
C GLY B 99 -6.11 -9.17 14.45
N PRO B 100 -5.76 -8.03 15.08
CA PRO B 100 -6.55 -6.83 14.86
C PRO B 100 -6.38 -6.34 13.44
N LEU B 101 -7.40 -5.70 12.90
CA LEU B 101 -7.33 -5.13 11.56
C LEU B 101 -6.25 -4.07 11.47
N ILE B 102 -6.08 -3.31 12.56
CA ILE B 102 -5.15 -2.20 12.61
C ILE B 102 -4.19 -2.45 13.79
N LEU B 103 -2.90 -2.30 13.53
CA LEU B 103 -1.88 -2.57 14.55
C LEU B 103 -1.87 -1.51 15.64
NA NA C . -7.29 -9.19 -13.01
C TRS D . -14.91 -13.87 -7.44
C TRS D . -14.96 -14.00 -7.28
C1 TRS D . -16.00 -13.08 -6.72
C1 TRS D . -16.13 -13.07 -7.60
C2 TRS D . -13.63 -13.06 -7.49
C2 TRS D . -13.81 -13.21 -6.65
C3 TRS D . -15.38 -14.26 -8.83
C3 TRS D . -14.47 -14.66 -8.56
N TRS D . -14.65 -15.09 -6.67
N TRS D . -15.43 -15.03 -6.36
O1 TRS D . -17.00 -12.69 -7.63
O1 TRS D . -17.19 -13.83 -8.14
O2 TRS D . -13.17 -12.84 -6.18
O2 TRS D . -13.97 -13.15 -5.25
O3 TRS D . -16.55 -15.05 -8.73
O3 TRS D . -13.67 -13.74 -9.26
CL CL E . -3.35 -14.28 -7.61
S SO4 F . -21.55 9.95 -8.62
O1 SO4 F . -20.71 8.83 -8.19
O2 SO4 F . -22.42 10.37 -7.53
O3 SO4 F . -20.72 11.08 -9.01
O4 SO4 F . -22.37 9.53 -9.75
S SO4 G . -7.19 -3.64 -15.27
O1 SO4 G . -6.07 -4.16 -16.05
O2 SO4 G . -7.12 -4.18 -13.93
O3 SO4 G . -7.12 -2.18 -15.24
O4 SO4 G . -8.45 -4.01 -15.90
S SO4 H . -0.56 16.78 6.86
O1 SO4 H . -0.03 15.86 5.85
O2 SO4 H . -0.77 16.03 8.10
O3 SO4 H . 0.34 17.93 7.07
O4 SO4 H . -1.85 17.27 6.40
C1 CIT I . -2.49 17.81 6.83
O1 CIT I . -2.92 18.52 7.77
O2 CIT I . -3.29 17.04 6.24
C2 CIT I . -1.04 17.88 6.39
C3 CIT I . -0.10 17.02 7.24
O7 CIT I . 0.65 16.19 6.32
C4 CIT I . 0.87 17.88 8.07
C5 CIT I . 2.30 17.40 7.92
O3 CIT I . 2.58 16.18 7.90
O4 CIT I . 3.24 18.22 7.83
C6 CIT I . -0.86 16.11 8.20
O5 CIT I . -2.08 15.92 8.11
O6 CIT I . -0.24 15.51 9.10
S SO4 J . -18.60 -3.01 -16.45
O1 SO4 J . -18.10 -4.37 -16.30
O2 SO4 J . -17.58 -2.06 -16.00
O3 SO4 J . -18.92 -2.76 -17.84
O4 SO4 J . -19.80 -2.83 -15.62
C1 CIT K . 17.83 -12.81 -5.94
O1 CIT K . 18.68 -12.40 -5.12
O2 CIT K . 17.50 -12.06 -6.88
C2 CIT K . 17.19 -14.18 -5.78
C3 CIT K . 18.14 -15.23 -6.32
O7 CIT K . 18.14 -15.18 -7.77
C4 CIT K . 17.75 -16.62 -5.85
C5 CIT K . 16.57 -17.15 -6.62
O3 CIT K . 15.50 -17.40 -6.04
O4 CIT K . 16.64 -17.34 -7.85
C6 CIT K . 19.56 -14.95 -5.82
O5 CIT K . 19.77 -14.73 -4.61
O6 CIT K . 20.51 -14.95 -6.62
C1 CIT L . 4.03 12.00 13.78
O1 CIT L . 4.36 12.92 14.55
O2 CIT L . 4.64 10.91 13.86
C2 CIT L . 2.92 12.22 12.76
C3 CIT L . 1.52 12.15 13.37
O7 CIT L . 0.91 10.88 13.04
C4 CIT L . 0.67 13.30 12.86
C5 CIT L . -0.59 13.51 13.69
O3 CIT L . -0.62 14.39 14.57
O4 CIT L . -1.63 12.82 13.51
C6 CIT L . 1.67 12.32 14.88
O5 CIT L . 1.77 13.46 15.39
O6 CIT L . 1.73 11.32 15.61
S SO4 M . 1.80 11.61 13.74
O1 SO4 M . 1.25 10.38 13.16
O2 SO4 M . 3.01 11.25 14.44
O3 SO4 M . 2.09 12.55 12.66
O4 SO4 M . 0.87 12.27 14.67
#